data_4EIU
#
_entry.id   4EIU
#
_cell.length_a   83.895
_cell.length_b   83.895
_cell.length_c   112.365
_cell.angle_alpha   90.000
_cell.angle_beta   90.000
_cell.angle_gamma   90.000
#
_symmetry.space_group_name_H-M   'P 41 21 2'
#
loop_
_entity.id
_entity.type
_entity.pdbx_description
1 polymer 'uncharacterized hypothetical protein'
2 non-polymer DI(HYDROXYETHYL)ETHER
3 non-polymer 'TRIETHYLENE GLYCOL'
4 water water
#
_entity_poly.entity_id   1
_entity_poly.type   'polypeptide(L)'
_entity_poly.pdbx_seq_one_letter_code
;GIDNYEEPSETIWGEVVDEATGKRVLTDQGSEGIRVRLTELSWGDNVQHNPDFYC(MSE)(MSE)DGTFQNTKIFKGEYN
VRIDGPFIPLVRENTDGTLLHDGSVNTEISGTTKVKFEVQPFLNVEFVGNPQVSNGVIKAQVRVTRGVSDEVFREKIQP
(MSE)GNWKDEYLNVTDIQFFVSYSNTVGYRARDERWSSSINYEGKSFEGLLGKEVTIQSNGNVPSGRKVFVRAAARINY
DTPVGSGTRRWNYSEP(MSE)EVLIP
;
_entity_poly.pdbx_strand_id   A
#
loop_
_chem_comp.id
_chem_comp.type
_chem_comp.name
_chem_comp.formula
PEG non-polymer DI(HYDROXYETHYL)ETHER 'C4 H10 O3'
PGE non-polymer 'TRIETHYLENE GLYCOL' 'C6 H14 O4'
#
# COMPACT_ATOMS: atom_id res chain seq x y z
N PRO A 8 17.90 5.87 23.27
CA PRO A 8 17.71 4.75 22.33
C PRO A 8 18.51 4.98 21.03
N SER A 9 19.44 4.08 20.73
CA SER A 9 20.47 4.34 19.73
C SER A 9 20.59 3.30 18.63
N GLU A 10 19.74 2.27 18.58
CA GLU A 10 19.88 1.27 17.56
C GLU A 10 18.97 1.60 16.40
N THR A 11 19.25 1.02 15.24
CA THR A 11 18.50 1.27 14.02
C THR A 11 17.94 -0.01 13.41
N ILE A 12 16.69 0.02 12.97
CA ILE A 12 16.15 -1.00 12.09
C ILE A 12 15.86 -0.38 10.73
N TRP A 13 16.26 -1.10 9.68
CA TRP A 13 15.95 -0.79 8.31
C TRP A 13 15.24 -1.98 7.74
N GLY A 14 14.21 -1.74 6.95
CA GLY A 14 13.47 -2.83 6.38
C GLY A 14 12.99 -2.52 5.00
N GLU A 15 12.75 -3.59 4.24
CA GLU A 15 12.05 -3.45 2.95
C GLU A 15 10.91 -4.43 2.83
N VAL A 16 9.91 -4.04 2.04
CA VAL A 16 8.69 -4.83 1.83
C VAL A 16 8.60 -5.16 0.35
N VAL A 17 8.68 -6.47 0.03
CA VAL A 17 8.74 -6.93 -1.32
C VAL A 17 7.67 -8.01 -1.57
N ASP A 18 7.28 -8.11 -2.82
CA ASP A 18 6.30 -9.08 -3.25
C ASP A 18 7.01 -10.46 -3.33
N GLU A 19 6.53 -11.40 -2.53
CA GLU A 19 6.95 -12.82 -2.59
C GLU A 19 7.02 -13.39 -4.01
N ALA A 20 6.07 -13.06 -4.86
CA ALA A 20 6.03 -13.67 -6.18
C ALA A 20 7.05 -13.09 -7.15
N THR A 21 7.37 -11.79 -7.08
CA THR A 21 8.24 -11.14 -8.06
C THR A 21 9.53 -10.58 -7.50
N GLY A 22 9.61 -10.34 -6.21
CA GLY A 22 10.74 -9.65 -5.62
C GLY A 22 10.63 -8.12 -5.72
N LYS A 23 9.58 -7.60 -6.33
CA LYS A 23 9.44 -6.17 -6.54
C LYS A 23 9.00 -5.51 -5.24
N ARG A 24 9.47 -4.28 -5.03
CA ARG A 24 9.00 -3.47 -3.91
C ARG A 24 7.51 -3.26 -3.96
N VAL A 25 6.89 -3.29 -2.78
CA VAL A 25 5.50 -2.95 -2.61
C VAL A 25 5.44 -1.44 -2.30
N LEU A 26 5.04 -0.69 -3.32
CA LEU A 26 5.07 0.77 -3.23
C LEU A 26 3.84 1.22 -2.48
N THR A 27 3.97 2.35 -1.82
CA THR A 27 2.97 2.82 -0.87
C THR A 27 3.05 4.36 -0.71
N ASP A 28 2.38 4.86 0.33
CA ASP A 28 2.26 6.29 0.61
C ASP A 28 2.64 6.42 2.08
N GLN A 29 3.52 7.36 2.43
CA GLN A 29 3.90 7.50 3.84
C GLN A 29 2.80 8.30 4.58
N GLY A 30 1.67 7.67 4.81
CA GLY A 30 0.55 8.19 5.64
C GLY A 30 0.00 7.00 6.39
N SER A 31 -1.00 7.28 7.21
CA SER A 31 -1.65 6.27 8.06
CA SER A 31 -1.61 6.25 8.06
C SER A 31 -2.23 5.12 7.26
N GLU A 32 -2.55 5.38 5.98
CA GLU A 32 -3.15 4.36 5.08
C GLU A 32 -2.09 3.57 4.28
N GLY A 33 -0.84 3.70 4.66
CA GLY A 33 0.26 3.09 3.95
C GLY A 33 0.66 1.76 4.57
N ILE A 34 1.97 1.52 4.69
CA ILE A 34 2.46 0.27 5.29
C ILE A 34 2.97 0.57 6.69
N ARG A 35 2.20 0.11 7.66
CA ARG A 35 2.45 0.29 9.09
C ARG A 35 3.47 -0.66 9.65
N VAL A 36 4.34 -0.14 10.51
CA VAL A 36 5.38 -0.94 11.16
C VAL A 36 5.22 -0.76 12.67
N ARG A 37 5.14 -1.90 13.37
CA ARG A 37 4.99 -1.93 14.84
C ARG A 37 6.04 -2.80 15.46
N LEU A 38 6.84 -2.18 16.31
CA LEU A 38 7.92 -2.80 17.03
C LEU A 38 7.53 -2.95 18.49
N THR A 39 7.47 -4.20 18.96
CA THR A 39 7.21 -4.53 20.36
C THR A 39 8.43 -5.21 20.96
N GLU A 40 8.94 -4.66 22.05
CA GLU A 40 10.04 -5.28 22.76
C GLU A 40 9.54 -6.50 23.52
N LEU A 41 10.21 -7.63 23.32
CA LEU A 41 9.82 -8.89 23.95
C LEU A 41 10.55 -9.01 25.25
N SER A 42 9.82 -9.49 26.26
CA SER A 42 10.33 -9.55 27.61
C SER A 42 9.95 -10.88 28.25
N TRP A 43 10.74 -11.34 29.23
CA TRP A 43 10.30 -12.43 30.12
C TRP A 43 9.03 -12.01 30.83
N GLY A 44 9.01 -10.74 31.26
CA GLY A 44 7.81 -10.10 31.78
C GLY A 44 6.84 -9.83 30.66
N ASP A 45 6.14 -8.70 30.71
CA ASP A 45 5.26 -8.34 29.59
C ASP A 45 5.97 -7.43 28.59
N ASN A 46 5.47 -7.44 27.39
CA ASN A 46 6.14 -6.84 26.25
C ASN A 46 5.75 -5.35 26.17
N VAL A 47 6.62 -4.52 25.61
CA VAL A 47 6.38 -3.08 25.63
C VAL A 47 6.66 -2.49 24.25
N GLN A 48 5.73 -1.67 23.77
CA GLN A 48 5.94 -0.89 22.54
C GLN A 48 6.50 0.50 22.92
N HIS A 49 7.80 0.70 22.73
CA HIS A 49 8.44 2.01 23.00
C HIS A 49 8.26 2.99 21.85
N ASN A 50 8.16 2.48 20.62
CA ASN A 50 8.10 3.28 19.40
C ASN A 50 6.69 3.28 18.84
N PRO A 51 6.08 4.47 18.71
CA PRO A 51 4.79 4.53 18.02
C PRO A 51 4.82 3.82 16.66
N ASP A 52 3.67 3.29 16.25
CA ASP A 52 3.54 2.76 14.95
C ASP A 52 4.07 3.79 13.95
N PHE A 53 4.82 3.34 12.97
CA PHE A 53 5.38 4.26 11.97
C PHE A 53 5.20 3.67 10.61
N TYR A 54 5.49 4.47 9.58
CA TYR A 54 5.11 4.11 8.20
C TYR A 54 6.30 4.09 7.24
N CYS A 55 6.28 3.12 6.32
CA CYS A 55 7.18 3.04 5.19
C CYS A 55 7.15 4.33 4.33
N MSE A 56 8.27 4.60 3.72
CA MSE A 56 8.37 5.54 2.61
C MSE A 56 7.72 4.95 1.41
O MSE A 56 7.46 3.73 1.31
CB MSE A 56 9.85 5.92 2.37
CG MSE A 56 10.47 6.69 3.58
SE MSE A 56 12.33 7.08 3.24
CE MSE A 56 12.90 5.35 3.79
N MSE A 57 7.50 5.80 0.43
CA MSE A 57 6.72 5.42 -0.76
C MSE A 57 7.32 4.26 -1.51
O MSE A 57 6.60 3.61 -2.26
CB MSE A 57 6.57 6.60 -1.73
CG MSE A 57 7.80 7.13 -2.29
SE MSE A 57 7.33 8.91 -3.13
CE MSE A 57 6.27 8.23 -4.57
N ASP A 58 8.63 4.04 -1.36
CA ASP A 58 9.36 2.98 -2.06
C ASP A 58 9.28 1.59 -1.37
N GLY A 59 8.49 1.48 -0.33
CA GLY A 59 8.27 0.25 0.37
C GLY A 59 9.39 -0.08 1.35
N THR A 60 10.23 0.90 1.68
CA THR A 60 11.27 0.71 2.72
C THR A 60 10.90 1.49 3.99
N PHE A 61 11.55 1.18 5.12
CA PHE A 61 11.33 1.93 6.36
C PHE A 61 12.62 1.96 7.14
N GLN A 62 12.74 2.95 8.01
CA GLN A 62 13.88 2.99 8.93
C GLN A 62 13.49 3.78 10.17
N ASN A 63 13.90 3.26 11.32
CA ASN A 63 13.87 4.03 12.55
C ASN A 63 15.19 3.86 13.31
N THR A 64 15.75 4.97 13.76
CA THR A 64 17.09 5.07 14.39
C THR A 64 17.02 5.27 15.92
N LYS A 65 15.82 5.28 16.51
CA LYS A 65 15.65 5.49 17.95
C LYS A 65 15.08 4.19 18.60
N ILE A 66 15.80 3.08 18.46
CA ILE A 66 15.36 1.78 19.04
C ILE A 66 16.23 1.44 20.26
N PHE A 67 15.60 1.14 21.39
CA PHE A 67 16.37 0.61 22.54
C PHE A 67 16.86 -0.81 22.22
N LYS A 68 18.13 -1.09 22.49
CA LYS A 68 18.73 -2.40 22.17
C LYS A 68 17.91 -3.46 22.87
N GLY A 69 17.52 -4.50 22.13
CA GLY A 69 16.87 -5.65 22.73
C GLY A 69 16.24 -6.53 21.68
N GLU A 70 15.33 -7.41 22.12
CA GLU A 70 14.65 -8.35 21.26
C GLU A 70 13.26 -7.84 20.95
N TYR A 71 12.88 -7.93 19.69
CA TYR A 71 11.67 -7.29 19.21
C TYR A 71 10.87 -8.21 18.33
N ASN A 72 9.56 -8.04 18.38
CA ASN A 72 8.66 -8.46 17.33
C ASN A 72 8.44 -7.27 16.37
N VAL A 73 8.54 -7.55 15.08
CA VAL A 73 8.39 -6.57 14.04
C VAL A 73 7.21 -7.04 13.19
N ARG A 74 6.14 -6.28 13.24
CA ARG A 74 4.90 -6.57 12.53
C ARG A 74 4.61 -5.49 11.50
N ILE A 75 4.25 -5.85 10.26
CA ILE A 75 3.82 -4.88 9.28
C ILE A 75 2.38 -5.21 8.81
N ASP A 76 1.63 -4.17 8.48
CA ASP A 76 0.29 -4.28 7.90
C ASP A 76 0.22 -3.31 6.71
N GLY A 77 -0.55 -3.67 5.68
CA GLY A 77 -0.53 -2.89 4.48
C GLY A 77 -1.51 -3.41 3.47
N PRO A 78 -1.32 -3.03 2.19
CA PRO A 78 -2.16 -3.51 1.06
C PRO A 78 -1.69 -4.89 0.56
N PHE A 79 -1.77 -5.83 1.49
CA PHE A 79 -1.31 -7.20 1.32
C PHE A 79 -1.97 -8.12 2.34
N ILE A 80 -1.97 -9.41 2.02
CA ILE A 80 -2.60 -10.41 2.85
C ILE A 80 -2.06 -10.26 4.26
N PRO A 81 -2.95 -10.16 5.25
CA PRO A 81 -2.40 -10.05 6.62
C PRO A 81 -1.45 -11.17 6.99
N LEU A 82 -0.32 -10.79 7.60
CA LEU A 82 0.69 -11.71 8.06
C LEU A 82 0.35 -12.27 9.43
N VAL A 83 -0.42 -11.53 10.23
CA VAL A 83 -0.85 -11.99 11.52
C VAL A 83 -2.34 -12.21 11.42
N ARG A 84 -2.76 -13.47 11.52
CA ARG A 84 -4.14 -13.84 11.22
C ARG A 84 -4.80 -14.53 12.39
N GLU A 85 -5.85 -13.89 12.92
CA GLU A 85 -6.72 -14.48 13.93
C GLU A 85 -8.16 -14.57 13.43
N ASN A 86 -8.89 -15.50 14.01
CA ASN A 86 -10.25 -15.77 13.56
C ASN A 86 -11.21 -14.83 14.32
N THR A 87 -12.50 -14.95 14.04
CA THR A 87 -13.48 -14.01 14.61
C THR A 87 -13.72 -14.26 16.09
N ASP A 88 -13.34 -15.44 16.61
CA ASP A 88 -13.37 -15.69 18.06
C ASP A 88 -12.17 -15.12 18.79
N GLY A 89 -11.24 -14.56 18.06
CA GLY A 89 -10.01 -13.99 18.60
C GLY A 89 -8.79 -14.93 18.63
N THR A 90 -8.94 -16.15 18.09
CA THR A 90 -7.89 -17.16 18.18
C THR A 90 -6.88 -17.01 17.08
N LEU A 91 -5.62 -16.93 17.46
CA LEU A 91 -4.56 -16.81 16.49
C LEU A 91 -4.34 -18.11 15.67
N LEU A 92 -4.26 -17.94 14.36
CA LEU A 92 -4.10 -19.01 13.37
C LEU A 92 -2.71 -18.99 12.72
N HIS A 93 -2.18 -17.83 12.47
CA HIS A 93 -0.88 -17.66 11.82
C HIS A 93 -0.21 -16.43 12.26
N ASP A 94 1.07 -16.51 12.57
CA ASP A 94 1.79 -15.28 12.90
C ASP A 94 3.07 -15.24 12.05
N GLY A 95 3.02 -14.45 10.98
CA GLY A 95 4.13 -14.26 10.05
C GLY A 95 4.91 -12.98 10.28
N SER A 96 4.78 -12.38 11.46
CA SER A 96 5.68 -11.30 11.91
C SER A 96 7.08 -11.87 12.17
N VAL A 97 8.07 -11.00 12.40
CA VAL A 97 9.48 -11.40 12.48
C VAL A 97 9.93 -11.12 13.90
N ASN A 98 10.63 -12.05 14.53
CA ASN A 98 11.30 -11.73 15.78
C ASN A 98 12.78 -11.59 15.51
N THR A 99 13.38 -10.52 16.00
CA THR A 99 14.80 -10.28 15.77
C THR A 99 15.35 -9.44 16.89
N GLU A 100 16.61 -9.67 17.22
CA GLU A 100 17.41 -8.72 17.96
C GLU A 100 17.47 -7.43 17.15
N ILE A 101 17.43 -6.27 17.81
CA ILE A 101 17.73 -5.00 17.11
C ILE A 101 18.91 -4.41 17.83
N SER A 102 20.04 -4.33 17.10
CA SER A 102 21.36 -3.98 17.68
C SER A 102 22.25 -3.42 16.59
N GLY A 103 22.94 -2.31 16.81
CA GLY A 103 23.68 -1.65 15.72
C GLY A 103 22.69 -1.21 14.65
N THR A 104 22.92 -1.63 13.41
CA THR A 104 21.89 -1.57 12.36
C THR A 104 21.43 -3.00 12.06
N THR A 105 20.12 -3.21 12.11
CA THR A 105 19.52 -4.49 11.84
C THR A 105 18.66 -4.31 10.63
N LYS A 106 18.90 -5.11 9.60
CA LYS A 106 18.15 -5.08 8.33
C LYS A 106 17.17 -6.21 8.32
N VAL A 107 15.94 -5.98 7.87
CA VAL A 107 14.96 -7.06 7.80
C VAL A 107 14.28 -6.95 6.43
N LYS A 108 13.83 -8.08 5.92
CA LYS A 108 13.12 -8.10 4.65
C LYS A 108 11.82 -8.83 4.85
N PHE A 109 10.70 -8.23 4.42
CA PHE A 109 9.39 -8.85 4.49
C PHE A 109 8.94 -9.21 3.09
N GLU A 110 8.54 -10.46 2.88
CA GLU A 110 7.96 -10.87 1.62
C GLU A 110 6.49 -11.00 1.87
N VAL A 111 5.68 -10.27 1.08
CA VAL A 111 4.23 -10.17 1.28
C VAL A 111 3.55 -10.49 -0.04
N GLN A 112 2.23 -10.53 0.02
CA GLN A 112 1.38 -10.88 -1.14
C GLN A 112 0.43 -9.68 -1.32
N PRO A 113 0.83 -8.70 -2.16
CA PRO A 113 0.00 -7.52 -2.33
C PRO A 113 -1.32 -7.91 -3.00
N PHE A 114 -2.38 -7.19 -2.69
CA PHE A 114 -3.66 -7.52 -3.25
C PHE A 114 -3.70 -7.27 -4.77
N LEU A 115 -3.09 -6.18 -5.20
CA LEU A 115 -3.13 -5.67 -6.60
C LEU A 115 -1.76 -5.14 -7.03
N ASN A 116 -1.48 -5.28 -8.31
CA ASN A 116 -0.41 -4.60 -8.97
C ASN A 116 -1.01 -3.53 -9.85
N VAL A 117 -0.44 -2.35 -9.81
CA VAL A 117 -0.99 -1.19 -10.52
C VAL A 117 0.14 -0.49 -11.24
N GLU A 118 -0.03 -0.29 -12.55
CA GLU A 118 1.02 0.35 -13.35
C GLU A 118 0.41 1.28 -14.38
N PHE A 119 1.20 2.26 -14.80
CA PHE A 119 0.88 3.02 -16.01
C PHE A 119 1.28 2.23 -17.24
N VAL A 120 0.55 2.39 -18.35
CA VAL A 120 0.92 1.73 -19.58
C VAL A 120 1.59 2.73 -20.52
N GLY A 121 0.90 3.81 -20.87
CA GLY A 121 1.54 4.82 -21.75
C GLY A 121 2.29 5.90 -21.00
N ASN A 122 2.73 6.91 -21.74
CA ASN A 122 3.05 8.21 -21.15
C ASN A 122 1.75 9.00 -21.06
N PRO A 123 1.48 9.66 -19.93
CA PRO A 123 0.25 10.46 -19.86
C PRO A 123 0.19 11.61 -20.88
N GLN A 124 -0.76 11.58 -21.82
CA GLN A 124 -1.00 12.70 -22.74
C GLN A 124 -1.56 13.90 -21.96
N VAL A 125 -1.21 15.12 -22.36
CA VAL A 125 -1.82 16.34 -21.81
C VAL A 125 -2.41 17.17 -22.94
N SER A 126 -3.62 17.69 -22.74
CA SER A 126 -4.28 18.60 -23.69
C SER A 126 -5.20 19.53 -22.91
N ASN A 127 -4.89 20.83 -22.96
CA ASN A 127 -5.58 21.89 -22.22
C ASN A 127 -5.58 21.78 -20.67
N GLY A 128 -4.41 21.44 -20.11
CA GLY A 128 -4.27 21.35 -18.66
C GLY A 128 -5.00 20.18 -17.98
N VAL A 129 -5.65 19.33 -18.78
CA VAL A 129 -6.22 18.08 -18.29
C VAL A 129 -5.25 16.97 -18.73
N ILE A 130 -4.94 16.07 -17.80
CA ILE A 130 -4.03 14.94 -18.03
C ILE A 130 -4.81 13.64 -18.18
N LYS A 131 -4.31 12.76 -19.05
CA LYS A 131 -5.00 11.51 -19.40
C LYS A 131 -3.97 10.39 -19.46
N ALA A 132 -4.25 9.29 -18.77
CA ALA A 132 -3.33 8.18 -18.61
C ALA A 132 -4.02 6.85 -18.81
N GLN A 133 -3.23 5.84 -19.16
CA GLN A 133 -3.66 4.44 -19.22
C GLN A 133 -3.13 3.69 -17.99
N VAL A 134 -4.05 3.14 -17.20
CA VAL A 134 -3.71 2.39 -15.98
C VAL A 134 -4.06 0.92 -16.15
N ARG A 135 -3.17 0.03 -15.72
CA ARG A 135 -3.47 -1.40 -15.76
C ARG A 135 -3.46 -1.99 -14.35
N VAL A 136 -4.60 -2.52 -13.90
CA VAL A 136 -4.69 -3.20 -12.61
C VAL A 136 -4.76 -4.72 -12.77
N THR A 137 -3.91 -5.41 -12.03
CA THR A 137 -3.95 -6.89 -11.99
C THR A 137 -3.89 -7.40 -10.57
N ARG A 138 -4.31 -8.64 -10.35
CA ARG A 138 -4.19 -9.29 -9.04
C ARG A 138 -2.72 -9.45 -8.63
N GLY A 139 -2.37 -9.09 -7.41
CA GLY A 139 -0.99 -9.23 -6.96
C GLY A 139 -0.74 -10.63 -6.39
N VAL A 140 -1.83 -11.31 -6.02
CA VAL A 140 -1.81 -12.65 -5.45
C VAL A 140 -3.06 -13.33 -6.00
N SER A 141 -2.99 -14.64 -6.25
CA SER A 141 -4.14 -15.34 -6.81
C SER A 141 -5.31 -15.30 -5.84
N ASP A 142 -6.50 -15.17 -6.42
CA ASP A 142 -7.75 -15.27 -5.65
C ASP A 142 -7.79 -16.56 -4.78
N GLU A 143 -7.21 -17.66 -5.29
CA GLU A 143 -7.20 -18.98 -4.58
C GLU A 143 -6.41 -18.86 -3.30
N VAL A 144 -5.21 -18.27 -3.38
CA VAL A 144 -4.35 -18.03 -2.20
C VAL A 144 -5.00 -17.05 -1.23
N PHE A 145 -5.56 -15.96 -1.75
CA PHE A 145 -6.29 -15.02 -0.90
C PHE A 145 -7.33 -15.73 -0.10
N ARG A 146 -8.22 -16.46 -0.79
CA ARG A 146 -9.21 -17.22 -0.05
C ARG A 146 -8.62 -18.27 0.92
N GLU A 147 -7.63 -19.03 0.45
CA GLU A 147 -7.02 -20.06 1.32
C GLU A 147 -6.51 -19.43 2.64
N LYS A 148 -5.92 -18.24 2.60
CA LYS A 148 -5.34 -17.67 3.80
C LYS A 148 -6.37 -16.87 4.64
N ILE A 149 -7.36 -16.27 3.99
CA ILE A 149 -8.32 -15.39 4.67
C ILE A 149 -9.63 -16.05 5.10
N GLN A 150 -10.21 -16.92 4.24
CA GLN A 150 -11.44 -17.66 4.61
C GLN A 150 -11.38 -18.30 6.01
N PRO A 151 -10.21 -18.89 6.41
CA PRO A 151 -10.21 -19.54 7.77
C PRO A 151 -10.38 -18.60 8.92
N MSE A 152 -10.27 -17.29 8.70
CA MSE A 152 -10.45 -16.39 9.79
C MSE A 152 -11.93 -16.23 10.16
O MSE A 152 -12.25 -15.73 11.25
CB MSE A 152 -9.80 -15.05 9.52
CG MSE A 152 -8.31 -15.07 9.53
SE MSE A 152 -7.66 -13.27 9.48
CE MSE A 152 -7.39 -13.15 7.71
N GLY A 153 -12.83 -16.66 9.28
CA GLY A 153 -14.25 -16.54 9.56
C GLY A 153 -14.83 -15.24 8.98
N ASN A 154 -16.14 -15.13 8.99
CA ASN A 154 -16.83 -14.03 8.36
C ASN A 154 -16.32 -13.80 6.91
N TRP A 155 -16.06 -14.89 6.21
CA TRP A 155 -15.63 -14.81 4.81
C TRP A 155 -16.73 -14.24 3.94
N LYS A 156 -16.34 -13.44 2.98
CA LYS A 156 -17.27 -12.99 1.90
C LYS A 156 -16.51 -12.91 0.56
N ASP A 157 -17.08 -13.46 -0.51
CA ASP A 157 -16.44 -13.40 -1.83
C ASP A 157 -16.21 -11.94 -2.19
N GLU A 158 -17.11 -11.05 -1.77
CA GLU A 158 -17.01 -9.62 -2.16
C GLU A 158 -15.78 -8.89 -1.59
N TYR A 159 -15.09 -9.50 -0.63
CA TYR A 159 -13.83 -8.94 -0.15
C TYR A 159 -12.82 -8.75 -1.30
N LEU A 160 -12.88 -9.59 -2.33
CA LEU A 160 -12.00 -9.48 -3.47
C LEU A 160 -12.34 -8.38 -4.48
N ASN A 161 -13.51 -7.74 -4.38
CA ASN A 161 -13.93 -6.77 -5.38
C ASN A 161 -12.94 -5.58 -5.43
N VAL A 162 -12.46 -5.26 -6.63
CA VAL A 162 -11.74 -4.02 -6.86
C VAL A 162 -12.77 -2.88 -6.87
N THR A 163 -12.62 -1.94 -5.95
CA THR A 163 -13.66 -0.93 -5.66
C THR A 163 -13.41 0.38 -6.38
N ASP A 164 -12.15 0.69 -6.72
CA ASP A 164 -11.84 1.97 -7.33
C ASP A 164 -10.42 2.05 -7.88
N ILE A 165 -10.23 2.97 -8.83
CA ILE A 165 -8.91 3.41 -9.26
C ILE A 165 -8.78 4.89 -8.95
N GLN A 166 -7.62 5.30 -8.45
CA GLN A 166 -7.35 6.72 -8.19
C GLN A 166 -6.28 7.17 -9.13
N PHE A 167 -6.42 8.41 -9.61
CA PHE A 167 -5.38 9.10 -10.35
C PHE A 167 -5.01 10.32 -9.51
N PHE A 168 -3.98 10.15 -8.67
CA PHE A 168 -3.52 11.19 -7.78
C PHE A 168 -2.63 12.14 -8.56
N VAL A 169 -2.88 13.44 -8.39
CA VAL A 169 -2.07 14.48 -9.02
C VAL A 169 -1.62 15.44 -7.93
N SER A 170 -0.34 15.79 -7.95
CA SER A 170 0.22 16.71 -6.96
C SER A 170 1.41 17.48 -7.55
N TYR A 171 1.62 18.71 -7.07
CA TYR A 171 2.87 19.40 -7.34
C TYR A 171 4.05 18.66 -6.71
N SER A 172 3.81 17.89 -5.65
CA SER A 172 4.89 17.23 -4.94
C SER A 172 5.22 15.85 -5.50
N ASN A 173 6.53 15.54 -5.53
CA ASN A 173 6.98 14.22 -6.01
C ASN A 173 6.70 13.08 -5.03
N THR A 174 6.16 13.39 -3.85
CA THR A 174 5.66 12.36 -2.97
C THR A 174 4.16 12.06 -3.26
N VAL A 175 3.68 12.44 -4.45
CA VAL A 175 2.29 12.20 -4.88
C VAL A 175 1.77 10.83 -4.41
N GLY A 176 0.58 10.89 -3.81
CA GLY A 176 -0.17 9.74 -3.36
C GLY A 176 -1.34 10.28 -2.57
N TYR A 177 -2.00 9.42 -1.80
CA TYR A 177 -3.15 9.90 -1.06
C TYR A 177 -2.85 11.11 -0.17
N ARG A 178 -1.80 11.03 0.64
CA ARG A 178 -1.53 12.10 1.58
C ARG A 178 -1.29 13.47 0.89
N ALA A 179 -0.56 13.45 -0.21
CA ALA A 179 -0.15 14.66 -0.92
C ALA A 179 -1.08 15.01 -2.09
N ARG A 180 -2.23 14.36 -2.18
CA ARG A 180 -3.08 14.52 -3.33
C ARG A 180 -3.45 15.99 -3.43
N ASP A 181 -3.50 16.50 -4.66
CA ASP A 181 -4.15 17.80 -4.94
C ASP A 181 -5.58 17.49 -5.42
N GLU A 182 -6.53 17.91 -4.60
CA GLU A 182 -7.96 17.68 -4.89
C GLU A 182 -8.55 18.51 -6.03
N ARG A 183 -7.80 19.47 -6.55
CA ARG A 183 -8.26 20.20 -7.76
C ARG A 183 -8.20 19.29 -8.99
N TRP A 184 -7.21 18.41 -9.02
CA TRP A 184 -6.84 17.67 -10.22
C TRP A 184 -6.86 16.17 -10.06
N SER A 185 -6.72 15.70 -8.84
CA SER A 185 -6.84 14.26 -8.57
C SER A 185 -8.23 13.77 -9.01
N SER A 186 -8.30 12.52 -9.47
CA SER A 186 -9.53 11.96 -9.97
C SER A 186 -9.66 10.52 -9.55
N SER A 187 -10.80 9.93 -9.86
CA SER A 187 -11.00 8.54 -9.57
C SER A 187 -12.12 7.91 -10.38
N ILE A 188 -12.14 6.58 -10.43
CA ILE A 188 -13.27 5.84 -10.98
C ILE A 188 -13.66 4.84 -9.91
N ASN A 189 -14.94 4.80 -9.55
CA ASN A 189 -15.48 3.83 -8.61
C ASN A 189 -16.18 2.72 -9.37
N TYR A 190 -16.10 1.49 -8.86
CA TYR A 190 -16.71 0.31 -9.49
C TYR A 190 -17.65 -0.35 -8.50
N GLU A 191 -18.87 -0.64 -8.92
CA GLU A 191 -19.86 -1.21 -8.02
C GLU A 191 -19.71 -2.73 -8.00
N GLY A 192 -19.83 -3.34 -6.82
CA GLY A 192 -19.88 -4.80 -6.76
C GLY A 192 -18.62 -5.36 -7.42
N LYS A 193 -18.79 -6.41 -8.23
CA LYS A 193 -17.64 -7.02 -8.92
C LYS A 193 -17.40 -6.55 -10.36
N SER A 194 -17.87 -5.36 -10.72
CA SER A 194 -17.85 -4.93 -12.13
C SER A 194 -16.46 -4.61 -12.70
N PHE A 195 -15.43 -4.52 -11.85
CA PHE A 195 -14.07 -4.41 -12.34
C PHE A 195 -13.46 -5.71 -12.91
N GLU A 196 -14.02 -6.88 -12.59
CA GLU A 196 -13.41 -8.17 -12.99
C GLU A 196 -13.01 -8.22 -14.45
N GLY A 197 -13.91 -7.80 -15.33
CA GLY A 197 -13.61 -7.77 -16.76
C GLY A 197 -12.52 -6.79 -17.17
N LEU A 198 -12.10 -5.88 -16.28
CA LEU A 198 -11.05 -4.90 -16.59
C LEU A 198 -9.68 -5.28 -16.04
N LEU A 199 -9.60 -6.36 -15.25
CA LEU A 199 -8.31 -6.83 -14.76
C LEU A 199 -7.40 -7.14 -15.94
N GLY A 200 -6.18 -6.59 -15.92
CA GLY A 200 -5.22 -6.85 -16.97
C GLY A 200 -5.46 -6.07 -18.26
N LYS A 201 -6.52 -5.26 -18.34
CA LYS A 201 -6.74 -4.35 -19.46
C LYS A 201 -6.34 -2.89 -19.11
N GLU A 202 -6.15 -2.07 -20.13
CA GLU A 202 -5.82 -0.65 -19.94
C GLU A 202 -7.09 0.17 -19.68
N VAL A 203 -7.15 0.81 -18.52
CA VAL A 203 -8.27 1.68 -18.13
C VAL A 203 -7.80 3.14 -18.32
N THR A 204 -8.59 3.91 -19.06
CA THR A 204 -8.32 5.33 -19.27
C THR A 204 -8.86 6.12 -18.10
N ILE A 205 -8.02 6.99 -17.55
CA ILE A 205 -8.44 7.91 -16.50
C ILE A 205 -7.90 9.33 -16.79
N GLN A 206 -8.65 10.34 -16.33
CA GLN A 206 -8.42 11.75 -16.62
C GLN A 206 -8.42 12.58 -15.36
N SER A 207 -7.50 13.54 -15.29
CA SER A 207 -7.46 14.51 -14.19
C SER A 207 -8.73 15.37 -14.21
N ASN A 208 -9.03 15.99 -13.07
CA ASN A 208 -10.05 17.00 -12.96
C ASN A 208 -9.38 18.35 -13.11
N GLY A 209 -10.20 19.41 -13.07
CA GLY A 209 -9.68 20.76 -13.05
C GLY A 209 -8.77 20.92 -14.37
N ASN A 210 -7.91 21.96 -14.23
CA ASN A 210 -6.96 22.34 -15.28
C ASN A 210 -5.69 22.82 -14.62
N VAL A 211 -4.60 22.08 -14.81
N VAL A 211 -4.60 22.09 -14.84
CA VAL A 211 -3.32 22.48 -14.25
CA VAL A 211 -3.30 22.47 -14.32
C VAL A 211 -2.72 23.55 -15.16
C VAL A 211 -2.76 23.59 -15.19
N PRO A 212 -2.26 24.68 -14.57
CA PRO A 212 -1.75 25.77 -15.43
C PRO A 212 -0.54 25.34 -16.26
N SER A 213 -0.49 25.81 -17.52
CA SER A 213 0.60 25.49 -18.42
C SER A 213 1.91 26.10 -17.90
N GLY A 214 3.03 25.39 -18.18
CA GLY A 214 4.34 25.79 -17.67
C GLY A 214 4.69 25.06 -16.38
N ARG A 215 3.72 24.36 -15.78
CA ARG A 215 3.96 23.71 -14.50
C ARG A 215 4.29 22.23 -14.67
N LYS A 216 5.12 21.70 -13.75
CA LYS A 216 5.37 20.26 -13.60
C LYS A 216 4.52 19.75 -12.46
N VAL A 217 3.76 18.69 -12.73
CA VAL A 217 3.03 17.96 -11.68
C VAL A 217 3.51 16.51 -11.68
N PHE A 218 3.22 15.82 -10.60
CA PHE A 218 3.49 14.38 -10.50
C PHE A 218 2.18 13.63 -10.40
N VAL A 219 2.07 12.53 -11.14
CA VAL A 219 0.85 11.72 -11.19
C VAL A 219 1.11 10.28 -10.80
N ARG A 220 0.10 9.61 -10.28
CA ARG A 220 0.28 8.26 -9.79
C ARG A 220 -1.07 7.53 -9.74
N ALA A 221 -1.05 6.25 -10.05
CA ALA A 221 -2.26 5.42 -10.02
C ALA A 221 -2.28 4.59 -8.77
N ALA A 222 -3.49 4.30 -8.30
CA ALA A 222 -3.68 3.45 -7.17
C ALA A 222 -4.99 2.71 -7.34
N ALA A 223 -5.06 1.51 -6.74
CA ALA A 223 -6.31 0.70 -6.76
C ALA A 223 -6.38 -0.14 -5.48
N ARG A 224 -7.60 -0.42 -5.04
CA ARG A 224 -7.78 -1.23 -3.85
C ARG A 224 -8.96 -2.17 -3.98
N ILE A 225 -9.01 -3.10 -3.05
CA ILE A 225 -10.08 -4.07 -2.93
C ILE A 225 -10.97 -3.76 -1.73
N ASN A 226 -12.08 -4.49 -1.64
CA ASN A 226 -13.08 -4.35 -0.57
C ASN A 226 -12.66 -5.08 0.72
N TYR A 227 -11.50 -4.75 1.27
CA TYR A 227 -10.91 -5.47 2.38
C TYR A 227 -9.96 -4.58 3.18
N ASP A 228 -10.21 -4.53 4.46
CA ASP A 228 -9.47 -3.67 5.36
C ASP A 228 -8.34 -4.35 6.07
N THR A 229 -7.28 -3.59 6.30
CA THR A 229 -6.08 -4.06 7.00
C THR A 229 -5.66 -2.96 7.97
N PRO A 230 -5.42 -3.30 9.23
CA PRO A 230 -5.73 -4.57 9.89
C PRO A 230 -7.23 -4.83 9.85
N VAL A 231 -7.57 -6.10 9.92
CA VAL A 231 -8.96 -6.57 9.83
C VAL A 231 -9.77 -5.85 10.90
N GLY A 232 -10.90 -5.31 10.50
CA GLY A 232 -11.81 -4.61 11.41
C GLY A 232 -11.47 -3.14 11.57
N SER A 233 -10.37 -2.66 10.99
CA SER A 233 -9.99 -1.25 11.16
C SER A 233 -10.85 -0.35 10.29
N GLY A 234 -11.46 -0.85 9.23
CA GLY A 234 -12.14 0.02 8.29
C GLY A 234 -11.21 0.60 7.21
N THR A 235 -9.87 0.51 7.35
CA THR A 235 -8.96 1.07 6.37
C THR A 235 -8.69 0.14 5.23
N ARG A 236 -9.18 0.51 4.05
CA ARG A 236 -8.91 -0.28 2.86
C ARG A 236 -7.79 0.38 2.08
N ARG A 237 -6.63 -0.27 2.08
CA ARG A 237 -5.38 0.35 1.64
C ARG A 237 -5.14 0.11 0.15
N TRP A 238 -4.72 1.17 -0.55
CA TRP A 238 -4.29 1.10 -1.94
C TRP A 238 -2.98 0.45 -2.19
N ASN A 239 -2.94 -0.30 -3.29
CA ASN A 239 -1.70 -0.55 -4.03
C ASN A 239 -1.45 0.55 -5.04
N TYR A 240 -0.17 0.81 -5.31
CA TYR A 240 0.26 1.99 -6.02
C TYR A 240 1.20 1.68 -7.16
N SER A 241 1.12 2.51 -8.21
CA SER A 241 2.10 2.54 -9.27
C SER A 241 3.31 3.38 -8.87
N GLU A 242 4.29 3.42 -9.76
CA GLU A 242 5.36 4.38 -9.66
C GLU A 242 4.79 5.75 -10.05
N PRO A 243 5.33 6.83 -9.44
CA PRO A 243 4.95 8.17 -9.91
C PRO A 243 5.53 8.48 -11.28
N MSE A 244 4.94 9.45 -11.97
CA MSE A 244 5.48 9.95 -13.21
C MSE A 244 5.37 11.46 -13.22
O MSE A 244 4.40 12.03 -12.70
CB MSE A 244 4.74 9.35 -14.41
CG MSE A 244 4.95 7.85 -14.57
SE MSE A 244 4.10 7.24 -16.20
CE MSE A 244 5.42 7.64 -17.55
N GLU A 245 6.40 12.09 -13.78
CA GLU A 245 6.43 13.53 -13.94
C GLU A 245 5.76 13.88 -15.23
N VAL A 246 4.88 14.89 -15.20
CA VAL A 246 4.18 15.36 -16.37
C VAL A 246 4.35 16.86 -16.56
N LEU A 247 4.86 17.25 -17.70
CA LEU A 247 5.08 18.66 -17.99
C LEU A 247 3.84 19.14 -18.76
N ILE A 248 3.13 20.12 -18.20
N ILE A 248 3.11 20.10 -18.18
CA ILE A 248 1.92 20.67 -18.83
CA ILE A 248 1.92 20.67 -18.83
C ILE A 248 2.21 21.71 -19.93
C ILE A 248 2.25 21.68 -19.94
N PRO A 249 1.87 21.39 -21.20
CA PRO A 249 2.16 22.34 -22.28
C PRO A 249 1.38 23.66 -22.19
C1 PEG B . 24.73 2.18 8.28
O1 PEG B . 24.18 0.95 7.68
C2 PEG B . 24.15 3.47 7.65
O2 PEG B . 24.59 3.58 6.28
C3 PEG B . 23.88 4.34 5.27
C4 PEG B . 22.47 3.85 4.99
O4 PEG B . 22.30 3.47 3.60
C1 PEG C . 6.18 8.52 9.62
O1 PEG C . 5.78 7.30 10.31
C2 PEG C . 5.01 9.13 8.86
O2 PEG C . 3.83 9.21 9.65
C3 PEG C . 2.64 9.38 8.86
C4 PEG C . 1.52 10.05 9.60
O4 PEG C . 1.04 9.33 10.75
C1 PEG D . -12.09 -10.90 12.72
O1 PEG D . -11.02 -10.81 13.65
C2 PEG D . -11.54 -11.71 11.56
O2 PEG D . -12.41 -11.45 10.41
C3 PEG D . -11.94 -12.06 9.24
C4 PEG D . -12.11 -11.14 8.02
O4 PEG D . -11.16 -11.51 6.97
C1 PEG E . -3.70 -9.03 17.65
O1 PEG E . -2.44 -8.40 17.85
C2 PEG E . -3.56 -9.92 16.43
O2 PEG E . -4.11 -9.14 15.39
C3 PEG E . -4.16 -9.82 14.15
C4 PEG E . -5.06 -9.13 13.14
O4 PEG E . -4.78 -7.74 13.00
C1 PEG F . 0.69 -14.83 -8.66
O1 PEG F . 2.05 -15.02 -8.31
C2 PEG F . 0.61 -13.50 -9.35
O2 PEG F . -0.73 -13.02 -9.46
C3 PEG F . -1.82 -13.93 -9.46
C4 PEG F . -2.37 -14.07 -10.85
O4 PEG F . -3.67 -14.66 -10.67
C1 PEG G . -8.83 6.70 3.33
O1 PEG G . -8.44 5.34 3.48
C2 PEG G . -9.58 6.74 2.01
O2 PEG G . -10.94 6.44 2.26
C3 PEG G . -11.82 7.03 1.28
C4 PEG G . -13.12 6.24 1.36
O4 PEG G . -12.75 5.04 2.09
C1 PEG H . 3.00 3.55 22.42
O1 PEG H . 2.28 3.16 21.26
C2 PEG H . 4.28 4.24 21.99
O2 PEG H . 4.56 5.33 22.90
C3 PEG H . 4.25 6.67 22.41
C4 PEG H . 2.75 6.89 22.09
O4 PEG H . 2.47 8.20 21.49
C1 PEG I . -11.69 8.87 -17.54
O1 PEG I . -12.43 9.20 -18.74
C2 PEG I . -12.50 9.14 -16.27
O2 PEG I . -11.93 10.20 -15.47
C3 PEG I . -12.68 10.39 -14.23
C4 PEG I . -12.95 11.88 -13.95
O4 PEG I . -12.55 12.65 -15.09
C1 PEG J . 15.06 -2.73 26.99
O1 PEG J . 16.07 -3.77 26.69
C2 PEG J . 15.61 -1.42 27.56
O2 PEG J . 14.51 -0.47 27.55
C3 PEG J . 14.71 0.62 28.45
C4 PEG J . 13.62 0.55 29.52
O4 PEG J . 12.72 1.66 29.35
C1 PEG K . -18.82 -7.49 8.88
O1 PEG K . -19.97 -8.36 8.83
C2 PEG K . -17.78 -7.88 7.81
O2 PEG K . -17.26 -6.74 7.10
C3 PEG K . -17.33 -6.83 5.65
C4 PEG K . -18.40 -5.99 4.96
O4 PEG K . -18.33 -6.13 3.50
C1 PEG L . -0.71 -20.79 6.48
O1 PEG L . 0.35 -20.66 5.52
C2 PEG L . -2.03 -20.84 5.70
O2 PEG L . -3.12 -20.15 6.35
C3 PEG L . -3.16 -19.90 7.76
C4 PEG L . -4.63 -19.54 8.10
O4 PEG L . -4.96 -18.12 7.99
C1 PGE M . 20.32 -6.21 1.80
O1 PGE M . 19.67 -6.95 2.85
C2 PGE M . 19.94 -4.72 1.81
O2 PGE M . 21.00 -3.92 2.35
C3 PGE M . 21.38 -2.72 1.63
C4 PGE M . 20.70 -1.46 2.19
O4 PGE M . 21.13 1.04 6.31
C6 PGE M . 20.72 -0.18 5.66
C5 PGE M . 20.42 -0.10 4.15
O3 PGE M . 21.12 -1.20 3.52
C1 PGE N . 19.00 6.71 -2.57
O1 PGE N . 18.30 7.98 -2.70
C2 PGE N . 18.52 6.00 -1.32
O2 PGE N . 19.58 5.47 -0.47
C3 PGE N . 19.09 4.46 0.44
C4 PGE N . 20.12 3.47 1.02
O4 PGE N . 18.87 -0.29 -1.12
C6 PGE N . 18.25 0.99 -0.84
C5 PGE N . 18.77 1.46 0.52
O3 PGE N . 20.01 2.18 0.37
#